data_3MFD
#
_entry.id   3MFD
#
_cell.length_a   100.439
_cell.length_b   100.439
_cell.length_c   171.853
_cell.angle_alpha   90.000
_cell.angle_beta   90.000
_cell.angle_gamma   90.000
#
_symmetry.space_group_name_H-M   'P 43 21 2'
#
loop_
_entity.id
_entity.type
_entity.pdbx_description
1 polymer 'D-alanyl-D-alanine carboxypeptidase dacB'
2 non-polymer 'CITRIC ACID'
3 non-polymer 1,2-ETHANEDIOL
4 water water
#
_entity_poly.entity_id   1
_entity_poly.type   'polypeptide(L)'
_entity_poly.pdbx_seq_one_letter_code
;SNAAIDVSAKSAIIIDGASGRVLYAKDEHQKRRIASITKI(MSE)TAVLAIESGK(MSE)DQTVTVSANAVRTEGSAIYL
TEGQKVKLKDLVYGL(MSE)LRSGNDAAVAIAEHVGGSLDGFVY(MSE)(MSE)NQKAEQLG(MSE)KNTRFQNPHGLDD
HENHYSTAYD(MSE)AILTKYA(MSE)KLKDYQKISGTKIYKAET(MSE)ESVWKNKNKLLT(MSE)LYPYSTGGKTGYT
KLAKRTLVSTASKDGIDLIAVTINDPNDWDDH(MSE)K(MSE)FNYVFEHYQTYLIAKKGDIPKLKGTFYESKAFIKRDI
TYLLTEEEKENVKINTTLLKPKKAWEKDASKIPDIVGH(MSE)EI(MSE)FNDATIAKVPIYYENERHQK
;
_entity_poly.pdbx_strand_id   A,B
#
# COMPACT_ATOMS: atom_id res chain seq x y z
N ALA A 4 -1.74 -19.47 24.80
CA ALA A 4 -1.69 -18.84 23.46
C ALA A 4 -3.12 -18.50 23.03
N ILE A 5 -3.26 -17.64 22.03
CA ILE A 5 -4.60 -17.39 21.48
C ILE A 5 -4.85 -18.40 20.38
N ASP A 6 -5.95 -19.14 20.46
CA ASP A 6 -6.39 -20.01 19.39
C ASP A 6 -7.83 -19.68 19.00
N VAL A 7 -8.07 -19.39 17.73
CA VAL A 7 -9.42 -19.02 17.27
C VAL A 7 -9.86 -19.87 16.10
N SER A 8 -11.17 -19.90 15.82
CA SER A 8 -11.70 -20.69 14.71
C SER A 8 -11.81 -19.87 13.42
N ALA A 9 -11.41 -18.60 13.47
CA ALA A 9 -11.50 -17.69 12.33
C ALA A 9 -10.46 -18.03 11.31
N LYS A 10 -10.77 -17.83 10.02
CA LYS A 10 -9.75 -17.95 9.00
C LYS A 10 -8.76 -16.77 9.07
N SER A 11 -9.28 -15.57 9.32
CA SER A 11 -8.46 -14.39 9.53
C SER A 11 -8.92 -13.68 10.76
N ALA A 12 -7.98 -13.16 11.54
CA ALA A 12 -8.34 -12.48 12.77
C ALA A 12 -7.28 -11.46 13.11
N ILE A 13 -7.66 -10.46 13.89
CA ILE A 13 -6.69 -9.53 14.43
C ILE A 13 -7.21 -8.90 15.69
N ILE A 14 -6.28 -8.55 16.58
CA ILE A 14 -6.63 -7.63 17.64
C ILE A 14 -5.56 -6.56 17.75
N ILE A 15 -5.98 -5.31 17.83
CA ILE A 15 -5.07 -4.20 17.88
C ILE A 15 -5.37 -3.34 19.08
N ASP A 16 -4.33 -2.65 19.52
CA ASP A 16 -4.40 -1.65 20.57
C ASP A 16 -5.07 -0.42 19.98
N GLY A 17 -6.21 -0.05 20.55
CA GLY A 17 -6.95 1.10 20.09
C GLY A 17 -6.20 2.41 20.24
N ALA A 18 -5.25 2.50 21.16
CA ALA A 18 -4.47 3.74 21.35
C ALA A 18 -3.40 3.90 20.26
N SER A 19 -2.49 2.95 20.18
CA SER A 19 -1.32 3.04 19.29
C SER A 19 -1.57 2.46 17.90
N GLY A 20 -2.59 1.61 17.77
CA GLY A 20 -2.84 0.84 16.57
C GLY A 20 -1.99 -0.41 16.46
N ARG A 21 -1.13 -0.67 17.46
CA ARG A 21 -0.20 -1.82 17.37
C ARG A 21 -0.97 -3.13 17.27
N VAL A 22 -0.51 -4.01 16.39
CA VAL A 22 -1.10 -5.34 16.25
C VAL A 22 -0.59 -6.23 17.41
N LEU A 23 -1.51 -6.76 18.19
CA LEU A 23 -1.20 -7.60 19.35
C LEU A 23 -1.27 -9.08 19.06
N TYR A 24 -2.16 -9.44 18.16
CA TYR A 24 -2.33 -10.82 17.71
C TYR A 24 -2.91 -10.74 16.29
N ALA A 25 -2.45 -11.64 15.43
CA ALA A 25 -2.90 -11.65 14.04
C ALA A 25 -2.84 -13.06 13.47
N LYS A 26 -3.83 -13.38 12.64
CA LYS A 26 -3.91 -14.64 11.93
C LYS A 26 -4.34 -14.31 10.50
N ASP A 27 -3.46 -14.57 9.53
CA ASP A 27 -3.78 -14.34 8.10
C ASP A 27 -4.47 -12.97 7.87
N GLU A 28 -3.89 -11.94 8.47
CA GLU A 28 -4.56 -10.68 8.62
C GLU A 28 -4.58 -9.79 7.39
N HIS A 29 -3.84 -10.17 6.35
CA HIS A 29 -3.81 -9.42 5.09
C HIS A 29 -4.43 -10.18 3.92
N GLN A 30 -5.08 -11.31 4.18
CA GLN A 30 -5.75 -12.06 3.13
C GLN A 30 -7.05 -11.38 2.77
N LYS A 31 -7.19 -11.02 1.49
CA LYS A 31 -8.42 -10.45 1.00
C LYS A 31 -9.54 -11.48 1.11
N ARG A 32 -10.66 -11.06 1.69
CA ARG A 32 -11.80 -11.94 1.92
C ARG A 32 -13.09 -11.16 1.77
N ARG A 33 -14.17 -11.89 1.49
CA ARG A 33 -15.50 -11.32 1.58
C ARG A 33 -15.82 -10.97 3.06
N ILE A 34 -16.45 -9.82 3.26
CA ILE A 34 -16.62 -9.29 4.60
C ILE A 34 -18.07 -9.13 5.03
N ALA A 35 -19.02 -9.29 4.13
CA ALA A 35 -20.43 -9.09 4.49
C ALA A 35 -20.67 -7.73 5.17
N SER A 36 -21.51 -7.69 6.21
CA SER A 36 -22.07 -6.43 6.70
C SER A 36 -21.13 -5.61 7.53
N ILE A 37 -19.91 -6.07 7.85
CA ILE A 37 -18.96 -5.17 8.47
C ILE A 37 -18.58 -4.02 7.50
N THR A 38 -18.90 -4.21 6.21
CA THR A 38 -18.87 -3.11 5.24
C THR A 38 -19.55 -1.87 5.76
N LYS A 39 -20.63 -2.07 6.49
CA LYS A 39 -21.50 -0.99 6.89
C LYS A 39 -20.81 0.00 7.83
N ILE A 40 -19.70 -0.38 8.44
CA ILE A 40 -18.95 0.56 9.25
C ILE A 40 -18.51 1.75 8.39
N THR A 42 -19.95 2.81 5.59
CA THR A 42 -21.16 3.54 5.29
C THR A 42 -21.55 4.50 6.42
N ALA A 43 -21.48 3.99 7.66
CA ALA A 43 -21.74 4.82 8.82
C ALA A 43 -20.76 5.99 8.98
N VAL A 44 -19.48 5.73 8.82
CA VAL A 44 -18.47 6.77 8.88
C VAL A 44 -18.76 7.89 7.90
N LEU A 45 -19.04 7.55 6.64
CA LEU A 45 -19.32 8.58 5.66
C LEU A 45 -20.59 9.37 5.97
N ALA A 46 -21.63 8.69 6.46
CA ALA A 46 -22.85 9.39 6.87
C ALA A 46 -22.57 10.39 8.00
N ILE A 47 -21.84 9.92 8.99
CA ILE A 47 -21.50 10.77 10.15
C ILE A 47 -20.66 11.96 9.73
N GLU A 48 -19.68 11.75 8.86
CA GLU A 48 -18.81 12.84 8.45
C GLU A 48 -19.46 13.81 7.44
N SER A 49 -20.62 13.44 6.90
CA SER A 49 -21.22 14.19 5.82
C SER A 49 -21.83 15.51 6.31
N GLY A 50 -22.08 15.60 7.61
CA GLY A 50 -22.77 16.77 8.16
C GLY A 50 -24.27 16.76 7.88
N LYS A 51 -24.80 15.65 7.34
CA LYS A 51 -26.20 15.58 6.93
C LYS A 51 -27.09 14.75 7.84
N ASP A 53 -29.00 15.27 10.32
N ASP A 53 -28.99 15.26 10.33
CA ASP A 53 -30.33 15.77 10.64
CA ASP A 53 -30.32 15.80 10.62
C ASP A 53 -31.18 16.06 9.40
C ASP A 53 -31.23 15.93 9.40
N GLN A 54 -30.70 15.69 8.20
CA GLN A 54 -31.48 15.87 6.98
C GLN A 54 -32.50 14.76 6.79
N THR A 55 -33.59 15.10 6.10
CA THR A 55 -34.61 14.15 5.73
C THR A 55 -34.23 13.46 4.46
N VAL A 56 -34.24 12.14 4.50
CA VAL A 56 -33.91 11.30 3.37
C VAL A 56 -35.22 10.81 2.76
N THR A 57 -35.30 10.81 1.43
CA THR A 57 -36.40 10.17 0.73
C THR A 57 -35.97 8.79 0.19
N VAL A 58 -36.65 7.74 0.61
CA VAL A 58 -36.27 6.37 0.26
C VAL A 58 -36.73 6.00 -1.15
N SER A 59 -35.79 5.49 -1.94
CA SER A 59 -36.05 5.13 -3.32
C SER A 59 -36.55 3.71 -3.50
N ALA A 60 -37.08 3.45 -4.70
CA ALA A 60 -37.56 2.13 -5.03
C ALA A 60 -36.42 1.15 -5.02
N ASN A 61 -35.26 1.60 -5.47
CA ASN A 61 -34.06 0.80 -5.43
C ASN A 61 -33.71 0.39 -3.98
N ALA A 62 -33.82 1.32 -3.05
CA ALA A 62 -33.49 1.02 -1.63
C ALA A 62 -34.42 -0.09 -1.11
N VAL A 63 -35.69 0.02 -1.43
CA VAL A 63 -36.68 -0.97 -0.95
C VAL A 63 -36.44 -2.36 -1.56
N ARG A 64 -35.95 -2.41 -2.79
CA ARG A 64 -35.69 -3.69 -3.49
C ARG A 64 -34.56 -4.55 -2.91
N THR A 65 -33.71 -3.98 -2.06
CA THR A 65 -32.49 -4.64 -1.68
C THR A 65 -32.74 -5.94 -0.93
N GLU A 66 -31.94 -6.96 -1.19
CA GLU A 66 -32.08 -8.24 -0.51
C GLU A 66 -31.57 -8.20 0.95
N GLY A 67 -31.87 -9.24 1.72
CA GLY A 67 -31.27 -9.47 3.06
C GLY A 67 -31.91 -8.73 4.23
N SER A 68 -31.16 -8.55 5.31
CA SER A 68 -31.65 -7.82 6.50
C SER A 68 -32.28 -6.48 6.07
N ALA A 69 -33.36 -6.08 6.73
CA ALA A 69 -34.02 -4.83 6.41
C ALA A 69 -34.56 -4.14 7.67
N ILE A 70 -34.82 -2.83 7.57
CA ILE A 70 -35.62 -2.13 8.57
C ILE A 70 -37.02 -1.77 8.04
N TYR A 71 -37.37 -2.28 6.85
CA TYR A 71 -38.73 -2.22 6.31
C TYR A 71 -39.15 -0.81 5.90
N LEU A 72 -38.21 -0.11 5.25
CA LEU A 72 -38.48 1.16 4.59
C LEU A 72 -39.47 0.94 3.42
N THR A 73 -40.22 1.98 3.10
CA THR A 73 -41.16 1.96 1.98
C THR A 73 -40.78 3.03 0.96
N GLU A 74 -41.17 2.84 -0.30
CA GLU A 74 -40.81 3.80 -1.33
C GLU A 74 -41.42 5.16 -1.04
N GLY A 75 -40.60 6.21 -1.08
CA GLY A 75 -41.02 7.59 -0.82
C GLY A 75 -41.05 8.01 0.65
N GLN A 76 -40.74 7.07 1.54
CA GLN A 76 -40.73 7.36 2.96
C GLN A 76 -39.71 8.46 3.29
N LYS A 77 -40.10 9.37 4.18
CA LYS A 77 -39.22 10.44 4.65
C LYS A 77 -38.67 10.05 6.02
N VAL A 78 -37.36 9.85 6.11
CA VAL A 78 -36.72 9.40 7.34
C VAL A 78 -35.44 10.23 7.57
N LYS A 79 -35.21 10.66 8.79
CA LYS A 79 -34.02 11.39 9.14
C LYS A 79 -32.76 10.51 8.96
N LEU A 80 -31.70 11.06 8.38
CA LEU A 80 -30.50 10.27 8.09
C LEU A 80 -29.96 9.58 9.37
N LYS A 81 -29.95 10.28 10.49
CA LYS A 81 -29.52 9.69 11.74
C LYS A 81 -30.25 8.37 12.05
N ASP A 82 -31.57 8.36 11.89
CA ASP A 82 -32.37 7.13 12.12
C ASP A 82 -31.86 6.00 11.24
N LEU A 83 -31.62 6.28 9.96
CA LEU A 83 -31.10 5.28 9.04
C LEU A 83 -29.76 4.72 9.48
N VAL A 84 -28.90 5.58 10.01
CA VAL A 84 -27.60 5.12 10.47
C VAL A 84 -27.71 4.20 11.69
N TYR A 85 -28.59 4.52 12.63
CA TYR A 85 -28.85 3.57 13.70
C TYR A 85 -29.44 2.26 13.15
N GLY A 86 -30.37 2.34 12.21
CA GLY A 86 -30.97 1.11 11.64
C GLY A 86 -29.92 0.29 10.93
N LEU A 87 -29.04 0.95 10.19
CA LEU A 87 -27.91 0.32 9.52
C LEU A 87 -27.03 -0.48 10.50
N LEU A 89 -27.46 -1.09 13.95
CA LEU A 89 -28.09 -1.98 14.93
C LEU A 89 -28.75 -3.20 14.30
N ARG A 90 -29.40 -3.01 13.15
CA ARG A 90 -30.19 -4.05 12.49
C ARG A 90 -29.58 -4.56 11.19
N SER A 91 -28.49 -3.95 10.73
CA SER A 91 -27.85 -4.29 9.46
C SER A 91 -28.81 -4.10 8.26
N GLY A 92 -29.64 -3.08 8.31
CA GLY A 92 -30.63 -2.88 7.24
C GLY A 92 -29.96 -2.53 5.92
N ASN A 93 -30.17 -3.37 4.91
CA ASN A 93 -29.58 -3.14 3.59
C ASN A 93 -30.33 -2.04 2.84
N ASP A 94 -31.64 -1.96 3.05
CA ASP A 94 -32.44 -0.84 2.59
C ASP A 94 -31.92 0.49 3.14
N ALA A 95 -31.61 0.50 4.43
CA ALA A 95 -31.04 1.69 5.07
C ALA A 95 -29.71 2.04 4.42
N ALA A 96 -28.90 1.03 4.18
CA ALA A 96 -27.60 1.26 3.55
C ALA A 96 -27.69 1.94 2.18
N VAL A 97 -28.61 1.47 1.35
CA VAL A 97 -28.78 2.05 0.01
C VAL A 97 -29.37 3.44 0.13
N ALA A 98 -30.32 3.66 1.04
CA ALA A 98 -30.89 4.99 1.22
C ALA A 98 -29.85 6.00 1.71
N ILE A 99 -28.99 5.57 2.63
CA ILE A 99 -27.91 6.40 3.11
C ILE A 99 -26.96 6.72 1.94
N ALA A 100 -26.61 5.69 1.17
CA ALA A 100 -25.66 5.86 0.06
C ALA A 100 -26.17 6.84 -0.97
N GLU A 101 -27.44 6.71 -1.34
CA GLU A 101 -28.03 7.57 -2.34
C GLU A 101 -28.16 8.97 -1.81
N HIS A 102 -28.45 9.13 -0.52
CA HIS A 102 -28.57 10.46 0.06
C HIS A 102 -27.21 11.16 0.21
N VAL A 103 -26.26 10.49 0.79
CA VAL A 103 -24.95 11.07 1.09
C VAL A 103 -24.08 11.18 -0.15
N GLY A 104 -24.17 10.18 -1.03
CA GLY A 104 -23.39 10.14 -2.24
C GLY A 104 -24.07 10.54 -3.52
N GLY A 105 -25.37 10.79 -3.49
CA GLY A 105 -26.15 11.13 -4.68
C GLY A 105 -26.65 9.91 -5.45
N SER A 106 -25.84 8.86 -5.49
CA SER A 106 -26.15 7.62 -6.20
C SER A 106 -25.31 6.55 -5.57
N LEU A 107 -25.62 5.28 -5.83
CA LEU A 107 -24.72 4.23 -5.36
C LEU A 107 -23.31 4.42 -5.90
N ASP A 108 -23.17 4.71 -7.20
CA ASP A 108 -21.83 4.88 -7.78
C ASP A 108 -21.05 6.01 -7.09
N GLY A 109 -21.75 7.11 -6.81
CA GLY A 109 -21.13 8.23 -6.11
C GLY A 109 -20.67 7.85 -4.73
N PHE A 110 -21.54 7.19 -3.99
CA PHE A 110 -21.18 6.78 -2.63
C PHE A 110 -20.04 5.80 -2.61
N VAL A 111 -20.06 4.83 -3.51
CA VAL A 111 -18.97 3.83 -3.56
C VAL A 111 -17.63 4.49 -3.91
N TYR A 112 -17.65 5.47 -4.79
CA TYR A 112 -16.49 6.31 -5.03
C TYR A 112 -15.94 6.92 -3.75
N ASN A 115 -14.27 4.25 -1.48
CA ASN A 115 -12.93 3.92 -1.92
C ASN A 115 -11.94 5.05 -1.73
N GLN A 116 -12.36 6.29 -1.90
N GLN A 116 -12.39 6.29 -1.94
CA GLN A 116 -11.45 7.40 -1.67
CA GLN A 116 -11.60 7.47 -1.64
C GLN A 116 -11.09 7.47 -0.17
C GLN A 116 -11.10 7.38 -0.20
N LYS A 117 -12.06 7.18 0.69
CA LYS A 117 -11.79 7.09 2.12
C LYS A 117 -10.87 5.95 2.46
N ALA A 118 -11.09 4.77 1.85
CA ALA A 118 -10.20 3.64 2.08
C ALA A 118 -8.76 4.00 1.71
N GLU A 119 -8.58 4.67 0.57
CA GLU A 119 -7.26 5.14 0.13
C GLU A 119 -6.63 6.04 1.14
N GLN A 120 -7.40 7.01 1.64
CA GLN A 120 -6.84 8.00 2.56
CA GLN A 120 -6.91 8.02 2.61
C GLN A 120 -6.38 7.32 3.85
N LEU A 121 -7.09 6.26 4.26
CA LEU A 121 -6.76 5.53 5.49
C LEU A 121 -5.69 4.50 5.34
N GLY A 122 -5.25 4.26 4.13
CA GLY A 122 -4.20 3.29 3.87
C GLY A 122 -4.66 1.85 3.86
N LYS A 124 -4.93 -0.67 1.86
N LYS A 124 -4.93 -0.69 1.94
CA LYS A 124 -4.45 -1.00 0.53
CA LYS A 124 -4.31 -1.08 0.69
C LYS A 124 -4.97 -2.33 -0.01
C LYS A 124 -5.03 -2.25 0.03
N ASN A 125 -5.60 -3.13 0.86
CA ASN A 125 -6.13 -4.42 0.45
C ASN A 125 -7.65 -4.45 0.52
N THR A 126 -8.25 -3.29 0.31
CA THR A 126 -9.69 -3.13 0.43
C THR A 126 -10.24 -2.54 -0.85
N ARG A 127 -11.40 -3.05 -1.27
CA ARG A 127 -12.13 -2.50 -2.39
CA ARG A 127 -12.14 -2.47 -2.38
C ARG A 127 -13.62 -2.62 -2.13
N PHE A 128 -14.34 -1.51 -2.21
CA PHE A 128 -15.81 -1.51 -2.02
C PHE A 128 -16.53 -1.41 -3.34
N GLN A 129 -17.65 -2.11 -3.44
CA GLN A 129 -18.53 -2.05 -4.59
C GLN A 129 -19.96 -1.73 -4.25
N ASN A 130 -20.27 -1.69 -2.96
CA ASN A 130 -21.62 -1.43 -2.48
C ASN A 130 -21.52 -0.97 -1.02
N PRO A 131 -22.65 -0.51 -0.44
CA PRO A 131 -22.59 0.04 0.90
C PRO A 131 -23.01 -0.93 2.00
N HIS A 132 -23.24 -2.19 1.67
CA HIS A 132 -23.85 -3.14 2.62
C HIS A 132 -23.14 -4.45 2.79
N GLY A 133 -22.37 -4.86 1.81
CA GLY A 133 -21.63 -6.12 1.87
C GLY A 133 -22.36 -7.32 1.33
N LEU A 134 -23.48 -7.11 0.66
CA LEU A 134 -24.08 -8.25 -0.05
C LEU A 134 -23.12 -8.68 -1.15
N ASP A 135 -23.17 -9.97 -1.48
CA ASP A 135 -22.28 -10.51 -2.51
C ASP A 135 -22.88 -10.33 -3.90
N ASP A 136 -23.02 -9.08 -4.32
CA ASP A 136 -23.63 -8.75 -5.62
C ASP A 136 -22.61 -8.23 -6.64
N HIS A 137 -21.34 -8.21 -6.27
CA HIS A 137 -20.27 -7.84 -7.16
C HIS A 137 -19.06 -8.71 -6.93
N GLU A 138 -18.19 -8.75 -7.92
N GLU A 138 -18.16 -8.73 -7.90
CA GLU A 138 -16.86 -9.23 -7.70
CA GLU A 138 -17.00 -9.62 -7.86
C GLU A 138 -16.06 -8.06 -7.14
C GLU A 138 -15.89 -9.20 -6.90
N ASN A 139 -14.98 -8.41 -6.47
N ASN A 139 -15.60 -7.90 -6.84
CA ASN A 139 -14.02 -7.44 -5.99
CA ASN A 139 -14.40 -7.42 -6.18
C ASN A 139 -14.61 -6.47 -4.95
C ASN A 139 -14.69 -6.48 -5.01
N HIS A 140 -15.48 -6.98 -4.06
CA HIS A 140 -15.81 -6.28 -2.82
C HIS A 140 -15.15 -7.11 -1.73
N TYR A 141 -14.14 -6.54 -1.09
CA TYR A 141 -13.35 -7.29 -0.16
C TYR A 141 -12.61 -6.37 0.76
N SER A 142 -12.15 -6.96 1.86
CA SER A 142 -11.21 -6.29 2.75
C SER A 142 -10.39 -7.37 3.48
N THR A 143 -9.68 -6.95 4.50
CA THR A 143 -8.86 -7.86 5.30
C THR A 143 -9.05 -7.52 6.77
N ALA A 144 -8.64 -8.42 7.65
CA ALA A 144 -8.79 -8.19 9.09
C ALA A 144 -8.02 -6.94 9.50
N TYR A 145 -6.80 -6.80 8.98
CA TYR A 145 -5.97 -5.65 9.26
C TYR A 145 -6.58 -4.35 8.77
N ASP A 146 -7.08 -4.32 7.54
CA ASP A 146 -7.66 -3.11 7.01
C ASP A 146 -8.94 -2.72 7.75
N ALA A 148 -9.56 -3.35 10.88
CA ALA A 148 -9.12 -2.79 12.17
C ALA A 148 -8.69 -1.33 12.04
N ILE A 149 -8.01 -0.99 10.94
CA ILE A 149 -7.67 0.41 10.60
C ILE A 149 -8.92 1.26 10.49
N LEU A 150 -9.92 0.75 9.77
CA LEU A 150 -11.14 1.49 9.58
C LEU A 150 -11.87 1.71 10.91
N THR A 151 -11.89 0.66 11.74
CA THR A 151 -12.58 0.74 13.01
C THR A 151 -11.89 1.71 13.96
N LYS A 152 -10.58 1.73 13.95
CA LYS A 152 -9.81 2.69 14.74
C LYS A 152 -10.16 4.12 14.35
N TYR A 153 -10.22 4.37 13.03
CA TYR A 153 -10.66 5.65 12.50
C TYR A 153 -12.08 5.99 12.95
N ALA A 154 -12.99 5.03 12.78
CA ALA A 154 -14.41 5.25 13.11
C ALA A 154 -14.56 5.63 14.60
N LYS A 156 -12.73 7.31 16.40
CA LYS A 156 -12.43 8.72 16.67
C LYS A 156 -13.66 9.62 16.64
N LEU A 157 -14.72 9.15 16.01
CA LEU A 157 -15.95 9.90 15.83
C LEU A 157 -16.87 9.67 17.00
N LYS A 158 -17.16 10.74 17.73
CA LYS A 158 -18.03 10.64 18.89
CA LYS A 158 -18.03 10.61 18.90
C LYS A 158 -19.40 10.02 18.56
N ASP A 159 -19.95 10.37 17.40
CA ASP A 159 -21.26 9.80 16.99
C ASP A 159 -21.15 8.30 16.71
N TYR A 160 -20.01 7.85 16.17
CA TYR A 160 -19.81 6.42 15.90
C TYR A 160 -19.70 5.65 17.21
N GLN A 161 -18.92 6.22 18.14
N GLN A 161 -18.93 6.20 18.15
CA GLN A 161 -18.81 5.68 19.50
CA GLN A 161 -18.85 5.57 19.47
C GLN A 161 -20.20 5.48 20.09
C GLN A 161 -20.24 5.46 20.11
N LYS A 162 -21.04 6.51 20.00
CA LYS A 162 -22.38 6.47 20.59
CA LYS A 162 -22.39 6.49 20.57
C LYS A 162 -23.28 5.42 19.93
N ILE A 163 -23.33 5.46 18.61
CA ILE A 163 -24.19 4.54 17.85
C ILE A 163 -23.76 3.11 18.07
N SER A 164 -22.46 2.85 17.94
CA SER A 164 -21.91 1.53 18.15
C SER A 164 -22.19 0.93 19.53
N GLY A 165 -22.22 1.76 20.59
CA GLY A 165 -22.49 1.34 21.93
C GLY A 165 -23.95 1.32 22.34
N THR A 166 -24.85 1.56 21.38
CA THR A 166 -26.28 1.72 21.70
C THR A 166 -26.94 0.38 21.68
N LYS A 167 -27.58 0.01 22.80
CA LYS A 167 -28.26 -1.28 22.87
C LYS A 167 -29.66 -1.22 22.29
N ILE A 168 -30.36 -0.12 22.60
CA ILE A 168 -31.74 0.09 22.20
C ILE A 168 -31.88 1.46 21.64
N TYR A 169 -32.58 1.60 20.52
CA TYR A 169 -32.87 2.91 19.93
C TYR A 169 -34.31 3.05 19.44
N LYS A 170 -34.97 4.12 19.91
CA LYS A 170 -36.25 4.54 19.39
C LYS A 170 -36.01 5.54 18.26
N ALA A 171 -36.44 5.21 17.05
CA ALA A 171 -36.27 6.12 15.94
C ALA A 171 -37.09 7.38 16.14
N GLU A 172 -36.50 8.50 15.74
CA GLU A 172 -37.15 9.80 15.85
CA GLU A 172 -37.15 9.82 15.83
C GLU A 172 -38.26 9.97 14.81
N THR A 173 -38.06 9.39 13.62
CA THR A 173 -38.96 9.57 12.49
C THR A 173 -39.59 8.32 11.91
N GLU A 175 -41.66 4.51 13.31
N GLU A 175 -41.65 4.48 13.37
CA GLU A 175 -42.38 3.85 14.38
CA GLU A 175 -42.35 3.92 14.54
C GLU A 175 -41.66 2.56 14.79
C GLU A 175 -41.51 2.92 15.37
N SER A 176 -40.33 2.59 14.87
CA SER A 176 -39.58 1.43 15.31
C SER A 176 -38.75 1.68 16.56
N VAL A 177 -38.60 0.64 17.36
CA VAL A 177 -37.55 0.55 18.38
C VAL A 177 -36.66 -0.61 17.90
N TRP A 178 -35.37 -0.37 17.85
CA TRP A 178 -34.42 -1.40 17.40
C TRP A 178 -33.52 -1.84 18.52
N LYS A 179 -33.31 -3.15 18.60
CA LYS A 179 -32.33 -3.75 19.47
C LYS A 179 -31.07 -4.08 18.65
N ASN A 180 -29.92 -3.72 19.19
CA ASN A 180 -28.64 -4.00 18.56
C ASN A 180 -28.44 -5.51 18.46
N LYS A 181 -28.03 -5.98 17.27
CA LYS A 181 -27.75 -7.37 17.04
C LYS A 181 -26.39 -7.84 17.59
N ASN A 182 -25.61 -6.93 18.15
CA ASN A 182 -24.30 -7.26 18.71
C ASN A 182 -24.48 -7.90 20.08
N LYS A 183 -24.50 -9.24 20.12
CA LYS A 183 -24.66 -9.97 21.38
C LYS A 183 -23.57 -9.72 22.42
N LEU A 184 -22.35 -9.39 22.01
CA LEU A 184 -21.30 -9.04 22.98
C LEU A 184 -21.78 -7.86 23.84
N LEU A 185 -22.34 -6.87 23.17
CA LEU A 185 -22.79 -5.64 23.84
C LEU A 185 -24.06 -5.86 24.64
N THR A 186 -25.03 -6.58 24.08
CA THR A 186 -26.32 -6.68 24.73
C THR A 186 -26.43 -7.73 25.81
N LEU A 188 -23.45 -10.71 26.30
CA LEU A 188 -22.35 -11.62 26.63
C LEU A 188 -21.15 -11.09 27.43
N TYR A 189 -20.72 -9.85 27.14
CA TYR A 189 -19.41 -9.39 27.54
C TYR A 189 -19.48 -8.01 28.15
N PRO A 190 -19.23 -7.90 29.45
CA PRO A 190 -19.44 -6.59 30.10
C PRO A 190 -18.50 -5.51 29.64
N TYR A 191 -17.39 -5.89 29.01
CA TYR A 191 -16.38 -4.94 28.57
C TYR A 191 -16.59 -4.45 27.15
N SER A 192 -17.59 -5.01 26.49
CA SER A 192 -17.87 -4.60 25.09
C SER A 192 -18.32 -3.17 25.03
N THR A 193 -17.83 -2.47 24.02
CA THR A 193 -18.20 -1.09 23.76
C THR A 193 -18.85 -0.93 22.39
N GLY A 194 -19.07 -2.02 21.68
CA GLY A 194 -19.66 -1.91 20.36
C GLY A 194 -19.13 -2.91 19.37
N GLY A 195 -19.57 -2.75 18.13
CA GLY A 195 -19.14 -3.68 17.10
C GLY A 195 -20.20 -3.80 16.03
N LYS A 196 -19.97 -4.71 15.09
CA LYS A 196 -20.90 -4.91 13.95
C LYS A 196 -20.70 -6.33 13.46
N THR A 197 -21.82 -7.04 13.28
CA THR A 197 -21.82 -8.42 12.75
C THR A 197 -22.02 -8.43 11.23
N GLY A 198 -21.66 -9.56 10.60
CA GLY A 198 -22.00 -9.81 9.22
C GLY A 198 -22.12 -11.30 8.95
N TYR A 199 -22.98 -11.63 8.00
CA TYR A 199 -23.07 -12.99 7.52
C TYR A 199 -23.61 -12.96 6.09
N THR A 200 -22.91 -13.62 5.18
CA THR A 200 -23.54 -14.09 3.94
C THR A 200 -23.15 -15.55 3.74
N LYS A 201 -23.85 -16.23 2.83
CA LYS A 201 -23.53 -17.61 2.51
C LYS A 201 -22.10 -17.78 2.07
N LEU A 202 -21.55 -16.82 1.33
CA LEU A 202 -20.18 -16.93 0.85
C LEU A 202 -19.15 -16.38 1.82
N ALA A 203 -19.48 -15.32 2.56
CA ALA A 203 -18.53 -14.71 3.49
C ALA A 203 -18.42 -15.50 4.79
N LYS A 204 -19.51 -16.18 5.13
CA LYS A 204 -19.69 -16.82 6.44
C LYS A 204 -19.73 -15.71 7.51
N ARG A 205 -19.51 -16.06 8.78
CA ARG A 205 -19.64 -15.07 9.85
C ARG A 205 -18.43 -14.14 9.88
N THR A 206 -18.71 -12.84 9.94
CA THR A 206 -17.71 -11.80 10.14
C THR A 206 -18.11 -10.95 11.31
N LEU A 207 -17.11 -10.36 11.98
CA LEU A 207 -17.38 -9.61 13.18
C LEU A 207 -16.27 -8.64 13.47
N VAL A 208 -16.68 -7.41 13.69
CA VAL A 208 -15.82 -6.40 14.30
C VAL A 208 -16.36 -6.10 15.68
N SER A 209 -15.51 -6.01 16.69
CA SER A 209 -16.01 -5.54 17.99
C SER A 209 -14.90 -4.78 18.73
N THR A 210 -15.35 -3.98 19.68
CA THR A 210 -14.48 -3.19 20.50
C THR A 210 -14.76 -3.47 21.98
N ALA A 211 -13.74 -3.25 22.80
CA ALA A 211 -13.84 -3.50 24.23
C ALA A 211 -12.89 -2.58 24.96
N SER A 212 -13.23 -2.26 26.22
CA SER A 212 -12.41 -1.47 27.08
C SER A 212 -12.42 -2.02 28.50
N LYS A 213 -11.25 -2.00 29.12
CA LYS A 213 -11.13 -2.29 30.54
CA LYS A 213 -11.12 -2.32 30.54
C LYS A 213 -9.91 -1.60 31.10
N ASP A 214 -10.08 -0.96 32.25
CA ASP A 214 -8.96 -0.34 32.98
C ASP A 214 -8.18 0.60 32.07
N GLY A 215 -8.91 1.35 31.23
CA GLY A 215 -8.31 2.36 30.36
C GLY A 215 -7.70 1.81 29.08
N ILE A 216 -7.81 0.51 28.81
CA ILE A 216 -7.21 -0.10 27.65
C ILE A 216 -8.35 -0.34 26.68
N ASP A 217 -8.26 0.26 25.49
CA ASP A 217 -9.27 0.13 24.43
C ASP A 217 -8.71 -0.80 23.37
N LEU A 218 -9.47 -1.81 22.97
CA LEU A 218 -9.04 -2.80 22.03
C LEU A 218 -10.07 -2.94 20.89
N ILE A 219 -9.57 -3.35 19.76
CA ILE A 219 -10.36 -3.62 18.54
C ILE A 219 -10.03 -4.99 18.02
N ALA A 220 -11.08 -5.81 17.80
CA ALA A 220 -10.91 -7.17 17.31
C ALA A 220 -11.73 -7.34 16.03
N VAL A 221 -11.17 -8.08 15.10
CA VAL A 221 -11.85 -8.47 13.88
C VAL A 221 -11.68 -9.96 13.63
N THR A 222 -12.76 -10.62 13.24
CA THR A 222 -12.69 -11.98 12.74
C THR A 222 -13.45 -12.06 11.43
N ILE A 223 -12.86 -12.74 10.47
CA ILE A 223 -13.49 -12.97 9.18
C ILE A 223 -13.55 -14.47 8.92
N ASN A 224 -14.78 -14.97 8.79
CA ASN A 224 -15.10 -16.38 8.50
C ASN A 224 -14.80 -17.15 9.79
N ASP A 225 -15.72 -17.05 10.75
CA ASP A 225 -15.50 -17.63 12.08
C ASP A 225 -16.79 -18.09 12.71
N PRO A 226 -17.05 -19.42 12.71
CA PRO A 226 -18.32 -19.90 13.29
C PRO A 226 -18.44 -19.71 14.79
N ASN A 227 -17.30 -19.47 15.44
CA ASN A 227 -17.16 -19.28 16.89
CA ASN A 227 -17.31 -19.26 16.89
C ASN A 227 -16.81 -17.87 17.28
N ASP A 228 -17.24 -16.89 16.49
CA ASP A 228 -16.73 -15.54 16.65
C ASP A 228 -17.01 -14.87 18.01
N TRP A 229 -18.22 -14.99 18.55
CA TRP A 229 -18.50 -14.34 19.84
C TRP A 229 -17.50 -14.78 20.90
N ASP A 230 -17.31 -16.09 21.01
CA ASP A 230 -16.39 -16.70 21.97
C ASP A 230 -14.98 -16.24 21.68
N ASP A 231 -14.58 -16.31 20.40
CA ASP A 231 -13.23 -15.92 20.02
C ASP A 231 -12.92 -14.46 20.33
N HIS A 232 -13.87 -13.55 20.11
CA HIS A 232 -13.62 -12.15 20.51
C HIS A 232 -13.40 -12.02 22.00
N LYS A 234 -12.31 -14.31 24.03
CA LYS A 234 -11.02 -14.92 24.32
C LYS A 234 -9.86 -14.01 24.01
N PHE A 236 -9.96 -10.56 23.70
CA PHE A 236 -9.95 -9.43 24.63
C PHE A 236 -9.44 -9.87 26.00
N ASN A 237 -9.95 -10.99 26.50
CA ASN A 237 -9.55 -11.47 27.84
C ASN A 237 -8.06 -11.75 27.91
N TYR A 238 -7.49 -12.33 26.84
CA TYR A 238 -6.10 -12.62 26.77
C TYR A 238 -5.29 -11.34 26.89
N VAL A 239 -5.68 -10.31 26.13
CA VAL A 239 -4.96 -9.05 26.18
C VAL A 239 -5.14 -8.36 27.53
N PHE A 240 -6.34 -8.31 28.06
CA PHE A 240 -6.51 -7.69 29.37
C PHE A 240 -5.73 -8.40 30.49
N GLU A 241 -5.56 -9.72 30.34
CA GLU A 241 -4.86 -10.55 31.35
CA GLU A 241 -4.88 -10.54 31.35
C GLU A 241 -3.36 -10.40 31.24
N HIS A 242 -2.85 -10.26 30.02
CA HIS A 242 -1.40 -10.25 29.78
C HIS A 242 -0.71 -8.95 29.46
N TYR A 243 -1.47 -7.89 29.20
CA TYR A 243 -0.91 -6.62 28.82
C TYR A 243 -1.36 -5.59 29.84
N GLN A 244 -0.52 -4.59 30.07
CA GLN A 244 -0.93 -3.42 30.85
C GLN A 244 -0.34 -2.17 30.27
N THR A 245 -0.92 -1.04 30.62
CA THR A 245 -0.35 0.24 30.22
C THR A 245 0.80 0.60 31.16
N TYR A 246 2.01 0.66 30.63
CA TYR A 246 3.18 1.06 31.41
C TYR A 246 3.50 2.51 31.18
N LEU A 247 3.87 3.19 32.25
CA LEU A 247 4.43 4.52 32.13
C LEU A 247 5.91 4.35 31.76
N ILE A 248 6.24 4.59 30.50
CA ILE A 248 7.62 4.39 30.04
C ILE A 248 8.50 5.55 30.50
N ALA A 249 7.94 6.75 30.41
CA ALA A 249 8.63 7.96 30.83
C ALA A 249 7.60 8.91 31.40
N LYS A 250 7.89 9.43 32.59
CA LYS A 250 7.01 10.36 33.25
C LYS A 250 7.28 11.77 32.76
N LYS A 251 6.22 12.56 32.67
CA LYS A 251 6.33 14.00 32.44
C LYS A 251 7.33 14.65 33.39
N GLY A 252 8.12 15.59 32.89
CA GLY A 252 9.09 16.32 33.71
C GLY A 252 10.50 15.89 33.39
N ASP A 253 11.33 15.74 34.42
CA ASP A 253 12.75 15.50 34.20
C ASP A 253 13.05 14.04 33.84
N ILE A 254 14.27 13.81 33.39
CA ILE A 254 14.65 12.58 32.72
C ILE A 254 15.71 11.87 33.53
N PRO A 255 15.35 10.75 34.20
CA PRO A 255 16.30 10.13 35.13
C PRO A 255 17.67 9.77 34.55
N LYS A 256 17.73 9.31 33.30
CA LYS A 256 19.00 8.83 32.75
C LYS A 256 20.00 9.97 32.48
N LEU A 257 19.54 11.21 32.63
CA LEU A 257 20.40 12.40 32.49
C LEU A 257 20.96 12.88 33.85
N LYS A 258 20.67 12.15 34.93
CA LYS A 258 21.29 12.46 36.24
C LYS A 258 22.82 12.59 36.18
N GLY A 259 23.36 13.56 36.92
CA GLY A 259 24.81 13.83 36.93
C GLY A 259 25.30 14.67 35.76
N THR A 260 24.51 14.75 34.68
CA THR A 260 24.93 15.50 33.49
C THR A 260 24.44 16.95 33.56
N PHE A 261 24.86 17.74 32.57
CA PHE A 261 24.42 19.14 32.39
C PHE A 261 22.89 19.31 32.34
N TYR A 262 22.21 18.31 31.79
CA TYR A 262 20.77 18.39 31.57
C TYR A 262 19.96 17.79 32.74
N GLU A 263 20.62 17.43 33.84
CA GLU A 263 19.98 16.67 34.93
C GLU A 263 18.62 17.21 35.36
N SER A 264 18.55 18.50 35.69
CA SER A 264 17.28 19.07 36.21
C SER A 264 16.56 20.04 35.26
N LYS A 265 17.23 20.55 34.23
CA LYS A 265 16.59 21.53 33.34
C LYS A 265 15.95 20.95 32.08
N ALA A 266 16.41 19.78 31.64
CA ALA A 266 15.81 19.10 30.49
C ALA A 266 14.56 18.36 30.93
N PHE A 267 13.51 18.44 30.12
CA PHE A 267 12.24 17.79 30.46
C PHE A 267 11.44 17.40 29.24
N ILE A 268 10.53 16.44 29.43
CA ILE A 268 9.55 16.12 28.43
C ILE A 268 8.19 16.64 28.93
N LYS A 269 7.32 17.00 27.98
CA LYS A 269 6.07 17.72 28.31
C LYS A 269 4.90 16.80 28.65
N ARG A 270 5.02 15.51 28.38
CA ARG A 270 3.93 14.58 28.69
C ARG A 270 4.48 13.21 29.10
N ASP A 271 3.64 12.43 29.79
CA ASP A 271 3.90 11.02 30.03
C ASP A 271 3.92 10.28 28.71
N ILE A 272 4.79 9.29 28.60
CA ILE A 272 4.76 8.37 27.48
C ILE A 272 4.32 7.05 28.08
N THR A 273 3.17 6.54 27.62
CA THR A 273 2.65 5.26 28.11
C THR A 273 2.49 4.31 26.95
N TYR A 274 2.50 3.02 27.23
CA TYR A 274 2.36 2.06 26.16
C TYR A 274 1.88 0.74 26.69
N LEU A 275 1.05 0.09 25.87
CA LEU A 275 0.46 -1.17 26.22
C LEU A 275 1.39 -2.31 25.83
N LEU A 276 1.87 -3.06 26.83
CA LEU A 276 2.88 -4.11 26.62
C LEU A 276 2.67 -5.31 27.55
N THR A 277 3.16 -6.47 27.15
CA THR A 277 3.33 -7.59 28.04
C THR A 277 4.57 -7.33 28.91
N GLU A 278 4.68 -8.09 29.99
CA GLU A 278 5.83 -7.99 30.88
C GLU A 278 7.12 -8.22 30.09
N GLU A 279 7.14 -9.26 29.25
CA GLU A 279 8.34 -9.61 28.45
C GLU A 279 8.66 -8.56 27.40
N GLU A 280 7.63 -7.95 26.79
CA GLU A 280 7.87 -6.86 25.84
C GLU A 280 8.46 -5.65 26.52
N LYS A 281 8.01 -5.38 27.75
CA LYS A 281 8.45 -4.20 28.48
C LYS A 281 9.95 -4.29 28.77
N GLU A 282 10.48 -5.50 28.89
CA GLU A 282 11.92 -5.75 29.11
CA GLU A 282 11.92 -5.62 29.15
C GLU A 282 12.78 -5.36 27.90
N ASN A 283 12.15 -5.33 26.72
CA ASN A 283 12.82 -5.02 25.45
C ASN A 283 12.61 -3.58 24.98
N VAL A 284 12.06 -2.74 25.85
CA VAL A 284 11.88 -1.32 25.53
C VAL A 284 13.13 -0.56 25.94
N LYS A 285 13.58 0.34 25.08
CA LYS A 285 14.76 1.14 25.35
C LYS A 285 14.42 2.60 25.22
N ILE A 286 14.92 3.40 26.17
CA ILE A 286 14.77 4.84 26.14
C ILE A 286 16.08 5.42 25.62
N ASN A 287 16.02 6.00 24.41
CA ASN A 287 17.19 6.62 23.80
C ASN A 287 16.97 8.10 23.82
N THR A 288 17.98 8.83 24.22
CA THR A 288 17.94 10.27 24.13
C THR A 288 19.08 10.72 23.22
N THR A 289 18.79 11.66 22.32
CA THR A 289 19.83 12.37 21.56
C THR A 289 19.71 13.83 21.95
N LEU A 290 20.78 14.37 22.49
CA LEU A 290 20.82 15.75 22.97
C LEU A 290 21.99 16.51 22.34
N LEU A 291 21.80 17.81 22.13
CA LEU A 291 22.92 18.70 21.77
C LEU A 291 24.04 18.59 22.80
N LYS A 292 25.29 18.71 22.35
CA LYS A 292 26.41 18.72 23.29
C LYS A 292 26.48 20.11 23.94
N PRO A 293 26.41 20.19 25.29
CA PRO A 293 26.50 21.53 25.90
C PRO A 293 27.81 22.21 25.54
N LYS A 294 27.73 23.52 25.26
CA LYS A 294 28.87 24.31 24.86
C LYS A 294 29.27 25.22 26.01
N LYS A 295 30.57 25.49 26.12
CA LYS A 295 31.08 26.29 27.22
C LYS A 295 30.33 27.61 27.34
N ALA A 296 30.03 28.21 26.18
CA ALA A 296 29.34 29.49 26.14
C ALA A 296 27.95 29.45 26.80
N TRP A 297 27.33 28.26 26.89
CA TRP A 297 26.05 28.07 27.58
C TRP A 297 26.12 28.20 29.09
N GLU A 298 27.31 28.00 29.66
CA GLU A 298 27.54 28.13 31.10
C GLU A 298 27.19 29.54 31.56
N LYS A 299 27.78 30.53 30.88
CA LYS A 299 27.56 31.95 31.16
C LYS A 299 26.19 32.48 30.71
N ASP A 300 25.73 32.05 29.53
CA ASP A 300 24.56 32.65 28.84
C ASP A 300 23.50 31.59 28.46
N ALA A 301 22.41 31.56 29.23
CA ALA A 301 21.29 30.64 28.98
C ALA A 301 20.56 30.95 27.68
N SER A 302 20.65 32.19 27.20
CA SER A 302 19.94 32.61 25.97
C SER A 302 20.42 31.85 24.71
N LYS A 303 21.62 31.29 24.75
CA LYS A 303 22.16 30.53 23.62
C LYS A 303 21.62 29.10 23.56
N ILE A 304 20.92 28.65 24.61
CA ILE A 304 20.40 27.29 24.64
C ILE A 304 19.01 27.30 23.97
N PRO A 305 18.85 26.52 22.89
CA PRO A 305 17.52 26.46 22.26
C PRO A 305 16.46 25.94 23.18
N ASP A 306 15.19 26.16 22.82
CA ASP A 306 14.10 25.73 23.64
CA ASP A 306 14.07 25.72 23.60
C ASP A 306 13.99 24.19 23.63
N ILE A 307 14.27 23.58 22.47
CA ILE A 307 14.35 22.13 22.34
C ILE A 307 15.82 21.73 22.19
N VAL A 308 16.30 20.84 23.05
CA VAL A 308 17.73 20.43 23.07
C VAL A 308 17.96 19.02 22.54
N GLY A 309 16.89 18.35 22.15
CA GLY A 309 17.02 17.03 21.58
C GLY A 309 15.69 16.32 21.49
N HIS A 310 15.76 15.00 21.44
CA HIS A 310 14.57 14.17 21.37
CA HIS A 310 14.57 14.17 21.36
C HIS A 310 14.78 12.86 22.09
N GLU A 312 13.61 8.96 22.10
CA GLU A 312 13.08 7.97 21.18
C GLU A 312 12.90 6.69 21.97
N ILE A 313 11.66 6.19 22.03
CA ILE A 313 11.39 4.94 22.71
C ILE A 313 11.37 3.86 21.65
N PHE A 315 11.22 -0.25 20.54
CA PHE A 315 10.75 -1.55 20.94
C PHE A 315 11.22 -2.47 19.84
N ASN A 316 12.22 -3.28 20.15
CA ASN A 316 13.02 -3.95 19.13
C ASN A 316 13.50 -2.83 18.18
N ASP A 317 13.20 -2.91 16.88
CA ASP A 317 13.58 -1.85 15.94
C ASP A 317 12.40 -0.95 15.56
N ALA A 318 11.29 -1.06 16.29
CA ALA A 318 10.17 -0.15 16.09
C ALA A 318 10.43 1.09 16.94
N THR A 319 10.14 2.27 16.38
CA THR A 319 10.09 3.50 17.15
C THR A 319 8.66 3.62 17.59
N ILE A 320 8.40 3.35 18.86
CA ILE A 320 7.03 3.37 19.33
C ILE A 320 6.63 4.76 19.85
N ALA A 321 7.62 5.59 20.19
CA ALA A 321 7.33 6.96 20.54
C ALA A 321 8.56 7.81 20.31
N LYS A 322 8.33 9.07 19.97
CA LYS A 322 9.40 10.03 19.84
C LYS A 322 8.81 11.36 20.29
N VAL A 323 9.52 12.04 21.20
CA VAL A 323 9.08 13.35 21.68
C VAL A 323 10.29 14.28 21.83
N PRO A 324 10.06 15.60 21.72
CA PRO A 324 11.15 16.54 21.94
C PRO A 324 11.50 16.64 23.40
N ILE A 325 12.77 16.97 23.64
CA ILE A 325 13.25 17.27 24.99
C ILE A 325 13.49 18.76 25.05
N TYR A 326 12.87 19.40 26.03
CA TYR A 326 12.92 20.85 26.18
C TYR A 326 13.92 21.22 27.27
N TYR A 327 14.30 22.49 27.28
CA TYR A 327 15.21 23.00 28.29
C TYR A 327 14.54 24.20 28.94
N GLU A 328 14.44 24.16 30.27
CA GLU A 328 13.64 25.12 31.01
C GLU A 328 14.10 26.54 30.72
N ASN A 329 13.14 27.42 30.43
CA ASN A 329 13.44 28.82 30.09
C ASN A 329 13.84 29.62 31.33
N ALA B 4 -1.57 3.91 -37.03
CA ALA B 4 -0.11 4.05 -36.71
C ALA B 4 0.04 4.77 -35.37
N ILE B 5 1.17 4.58 -34.71
CA ILE B 5 1.39 5.22 -33.42
C ILE B 5 1.99 6.60 -33.64
N ASP B 6 1.35 7.62 -33.09
CA ASP B 6 1.87 8.97 -33.08
C ASP B 6 1.83 9.47 -31.64
N VAL B 7 2.97 9.87 -31.11
CA VAL B 7 3.10 10.31 -29.72
C VAL B 7 3.73 11.69 -29.68
N SER B 8 3.59 12.35 -28.54
CA SER B 8 4.13 13.70 -28.33
C SER B 8 5.47 13.71 -27.63
N ALA B 9 5.96 12.52 -27.29
CA ALA B 9 7.26 12.36 -26.65
C ALA B 9 8.39 12.68 -27.62
N LYS B 10 9.48 13.21 -27.11
CA LYS B 10 10.70 13.34 -27.93
C LYS B 10 11.30 11.97 -28.20
N SER B 11 11.35 11.12 -27.18
CA SER B 11 11.79 9.74 -27.31
C SER B 11 10.80 8.83 -26.66
N ALA B 12 10.59 7.68 -27.28
CA ALA B 12 9.64 6.71 -26.74
C ALA B 12 10.00 5.32 -27.23
N ILE B 13 9.56 4.33 -26.47
CA ILE B 13 9.68 2.96 -26.89
C ILE B 13 8.59 2.16 -26.22
N ILE B 14 8.21 1.08 -26.87
CA ILE B 14 7.45 0.05 -26.21
C ILE B 14 8.05 -1.29 -26.61
N ILE B 15 8.29 -2.14 -25.61
CA ILE B 15 8.93 -3.43 -25.85
C ILE B 15 8.07 -4.52 -25.21
N ASP B 16 8.22 -5.73 -25.74
CA ASP B 16 7.67 -6.95 -25.18
C ASP B 16 8.43 -7.24 -23.89
N GLY B 17 7.70 -7.31 -22.78
CA GLY B 17 8.29 -7.63 -21.48
C GLY B 17 8.95 -8.99 -21.44
N ALA B 18 8.42 -9.93 -22.23
CA ALA B 18 8.95 -11.31 -22.28
C ALA B 18 10.23 -11.44 -23.09
N SER B 19 10.18 -11.09 -24.38
CA SER B 19 11.33 -11.27 -25.28
C SER B 19 12.24 -10.04 -25.30
N GLY B 20 11.69 -8.88 -24.95
CA GLY B 20 12.45 -7.63 -25.03
C GLY B 20 12.35 -7.01 -26.40
N ARG B 21 11.62 -7.64 -27.31
CA ARG B 21 11.55 -7.16 -28.67
C ARG B 21 10.92 -5.77 -28.74
N VAL B 22 11.54 -4.90 -29.55
CA VAL B 22 11.02 -3.55 -29.75
C VAL B 22 9.84 -3.56 -30.71
N LEU B 23 8.68 -3.09 -30.23
CA LEU B 23 7.45 -3.08 -31.03
C LEU B 23 7.21 -1.72 -31.70
N TYR B 24 7.65 -0.65 -31.04
CA TYR B 24 7.59 0.69 -31.60
C TYR B 24 8.68 1.52 -30.91
N ALA B 25 9.28 2.44 -31.65
CA ALA B 25 10.35 3.25 -31.14
C ALA B 25 10.44 4.59 -31.83
N LYS B 26 10.81 5.60 -31.06
CA LYS B 26 10.95 6.95 -31.55
C LYS B 26 12.18 7.53 -30.88
N ASP B 27 13.22 7.79 -31.68
CA ASP B 27 14.48 8.37 -31.18
C ASP B 27 14.94 7.69 -29.89
N GLU B 28 14.90 6.35 -29.90
CA GLU B 28 15.01 5.55 -28.69
C GLU B 28 16.44 5.42 -28.14
N HIS B 29 17.43 5.81 -28.92
CA HIS B 29 18.82 5.76 -28.45
C HIS B 29 19.39 7.15 -28.18
N GLN B 30 18.56 8.20 -28.23
CA GLN B 30 19.06 9.55 -27.94
C GLN B 30 19.26 9.74 -26.45
N LYS B 31 20.49 10.08 -26.06
CA LYS B 31 20.78 10.45 -24.68
C LYS B 31 19.98 11.71 -24.24
N ARG B 32 19.24 11.59 -23.14
CA ARG B 32 18.41 12.67 -22.62
C ARG B 32 18.41 12.69 -21.11
N ARG B 33 18.08 13.83 -20.54
N ARG B 33 18.08 13.84 -20.55
CA ARG B 33 17.80 13.90 -19.11
CA ARG B 33 17.79 13.92 -19.12
C ARG B 33 16.54 13.10 -18.80
C ARG B 33 16.54 13.09 -18.81
N ILE B 34 16.54 12.39 -17.68
CA ILE B 34 15.49 11.44 -17.37
C ILE B 34 14.69 11.68 -16.07
N ALA B 35 15.13 12.63 -15.25
CA ALA B 35 14.45 12.94 -14.00
C ALA B 35 14.26 11.65 -13.16
N SER B 36 13.13 11.50 -12.47
CA SER B 36 13.01 10.47 -11.44
C SER B 36 12.85 9.04 -11.89
N ILE B 37 12.76 8.76 -13.19
CA ILE B 37 12.82 7.39 -13.61
C ILE B 37 14.18 6.76 -13.28
N THR B 38 15.16 7.61 -13.00
CA THR B 38 16.45 7.23 -12.40
C THR B 38 16.25 6.28 -11.21
N LYS B 39 15.18 6.56 -10.45
CA LYS B 39 14.97 5.83 -9.22
C LYS B 39 14.67 4.36 -9.40
N ILE B 40 14.33 3.93 -10.60
CA ILE B 40 14.18 2.50 -10.86
C ILE B 40 15.52 1.78 -10.59
N THR B 42 17.89 2.80 -8.49
CA THR B 42 18.06 2.85 -7.05
C THR B 42 17.30 1.74 -6.40
N ALA B 43 16.08 1.53 -6.85
CA ALA B 43 15.22 0.45 -6.33
C ALA B 43 15.82 -0.92 -6.58
N VAL B 44 16.30 -1.14 -7.79
CA VAL B 44 16.88 -2.43 -8.14
C VAL B 44 18.04 -2.73 -7.21
N LEU B 45 18.91 -1.76 -7.00
CA LEU B 45 20.08 -2.01 -6.15
C LEU B 45 19.70 -2.27 -4.69
N ALA B 46 18.68 -1.56 -4.21
CA ALA B 46 18.21 -1.78 -2.85
C ALA B 46 17.62 -3.20 -2.71
N ILE B 47 16.80 -3.60 -3.67
CA ILE B 47 16.14 -4.90 -3.64
C ILE B 47 17.21 -6.03 -3.71
N GLU B 48 18.21 -5.86 -4.56
CA GLU B 48 19.26 -6.90 -4.71
C GLU B 48 20.31 -6.94 -3.59
N SER B 49 20.28 -5.93 -2.72
CA SER B 49 21.28 -5.79 -1.69
C SER B 49 21.17 -6.81 -0.56
N GLY B 50 20.00 -7.44 -0.41
CA GLY B 50 19.78 -8.34 0.73
C GLY B 50 19.47 -7.58 2.02
N LYS B 51 19.25 -6.26 1.91
CA LYS B 51 19.13 -5.40 3.10
C LYS B 51 17.73 -4.85 3.30
N ASP B 53 15.06 -5.75 4.84
N ASP B 53 15.07 -5.72 4.85
CA ASP B 53 14.50 -5.82 6.20
CA ASP B 53 14.49 -5.78 6.18
C ASP B 53 15.32 -5.06 7.25
C ASP B 53 15.39 -5.18 7.26
N GLN B 54 16.46 -4.51 6.83
CA GLN B 54 17.36 -3.83 7.76
C GLN B 54 16.82 -2.45 8.10
N THR B 55 17.14 -2.01 9.32
CA THR B 55 16.82 -0.67 9.77
C THR B 55 17.87 0.32 9.31
N VAL B 56 17.43 1.36 8.60
CA VAL B 56 18.29 2.42 8.09
C VAL B 56 18.20 3.57 9.08
N THR B 57 19.34 4.20 9.38
CA THR B 57 19.36 5.39 10.21
C THR B 57 19.59 6.57 9.27
N VAL B 58 18.63 7.48 9.18
CA VAL B 58 18.68 8.52 8.16
C VAL B 58 19.67 9.60 8.54
N SER B 59 20.54 9.97 7.59
CA SER B 59 21.60 10.95 7.83
C SER B 59 21.09 12.38 7.62
N ALA B 60 21.85 13.33 8.14
CA ALA B 60 21.55 14.74 7.95
C ALA B 60 21.59 15.08 6.49
N ASN B 61 22.56 14.52 5.75
CA ASN B 61 22.63 14.69 4.30
C ASN B 61 21.33 14.30 3.56
N ALA B 62 20.77 13.14 3.90
CA ALA B 62 19.54 12.66 3.28
C ALA B 62 18.36 13.67 3.46
N VAL B 63 18.23 14.19 4.66
CA VAL B 63 17.13 15.13 4.97
C VAL B 63 17.16 16.43 4.13
N ARG B 64 18.35 16.92 3.84
N ARG B 64 18.36 16.92 3.83
CA ARG B 64 18.54 18.21 3.18
CA ARG B 64 18.56 18.22 3.14
C ARG B 64 18.48 18.15 1.64
C ARG B 64 18.15 18.23 1.67
N THR B 65 17.99 17.05 1.09
CA THR B 65 17.77 16.92 -0.34
C THR B 65 16.50 17.63 -0.85
N GLU B 66 16.65 18.33 -1.96
N GLU B 66 16.64 18.35 -1.95
CA GLU B 66 15.57 19.13 -2.53
CA GLU B 66 15.56 19.14 -2.51
C GLU B 66 14.55 18.26 -3.28
C GLU B 66 14.57 18.27 -3.29
N GLY B 67 13.46 18.88 -3.71
CA GLY B 67 12.44 18.22 -4.49
C GLY B 67 11.47 17.36 -3.71
N SER B 68 10.80 16.45 -4.44
CA SER B 68 9.87 15.53 -3.84
C SER B 68 10.49 14.87 -2.60
N ALA B 69 9.67 14.69 -1.57
CA ALA B 69 10.17 14.12 -0.32
C ALA B 69 9.15 13.23 0.37
N ILE B 70 9.61 12.36 1.27
CA ILE B 70 8.73 11.66 2.20
C ILE B 70 8.85 12.20 3.65
N TYR B 71 9.67 13.25 3.81
CA TYR B 71 9.81 13.98 5.08
C TYR B 71 10.45 13.19 6.21
N LEU B 72 11.55 12.52 5.88
CA LEU B 72 12.42 11.88 6.85
C LEU B 72 13.05 12.93 7.76
N THR B 73 13.36 12.53 8.98
CA THR B 73 14.05 13.38 9.95
C THR B 73 15.44 12.80 10.23
N GLU B 74 16.37 13.65 10.66
CA GLU B 74 17.71 13.18 10.97
C GLU B 74 17.68 12.18 12.10
N GLY B 75 18.38 11.05 11.93
CA GLY B 75 18.43 10.00 12.95
C GLY B 75 17.24 9.05 12.94
N GLN B 76 16.27 9.28 12.06
CA GLN B 76 15.08 8.43 12.01
C GLN B 76 15.47 7.01 11.65
N LYS B 77 14.81 6.05 12.30
CA LYS B 77 15.05 4.63 12.07
C LYS B 77 13.91 4.11 11.21
N VAL B 78 14.25 3.64 10.02
CA VAL B 78 13.24 3.20 9.07
CA VAL B 78 13.27 3.27 9.00
C VAL B 78 13.73 2.00 8.30
N LYS B 79 12.84 1.05 8.11
CA LYS B 79 13.18 -0.15 7.37
C LYS B 79 13.47 0.22 5.92
N LEU B 80 14.49 -0.40 5.32
CA LEU B 80 14.86 -0.07 3.96
C LEU B 80 13.68 -0.26 3.01
N LYS B 81 12.94 -1.36 3.17
CA LYS B 81 11.74 -1.65 2.35
C LYS B 81 10.79 -0.45 2.31
N ASP B 82 10.54 0.17 3.46
CA ASP B 82 9.67 1.35 3.51
C ASP B 82 10.24 2.50 2.71
N LEU B 83 11.54 2.73 2.80
CA LEU B 83 12.21 3.73 1.95
C LEU B 83 12.03 3.46 0.47
N VAL B 84 12.10 2.19 0.07
CA VAL B 84 11.95 1.86 -1.34
C VAL B 84 10.50 2.13 -1.83
N TYR B 85 9.50 1.82 -1.01
CA TYR B 85 8.13 2.21 -1.37
C TYR B 85 8.01 3.73 -1.47
N GLY B 86 8.64 4.46 -0.56
CA GLY B 86 8.54 5.94 -0.60
C GLY B 86 9.25 6.50 -1.83
N LEU B 87 10.37 5.88 -2.17
CA LEU B 87 11.12 6.23 -3.38
C LEU B 87 10.24 6.07 -4.61
N LEU B 89 6.81 5.30 -4.91
CA LEU B 89 5.43 5.83 -4.97
C LEU B 89 5.41 7.36 -4.95
N ARG B 90 6.31 7.92 -4.14
CA ARG B 90 6.32 9.37 -3.87
C ARG B 90 7.50 10.09 -4.51
N SER B 91 8.41 9.33 -5.12
CA SER B 91 9.61 9.94 -5.72
C SER B 91 10.46 10.67 -4.67
N GLY B 92 10.49 10.13 -3.46
CA GLY B 92 11.19 10.78 -2.38
C GLY B 92 12.68 10.88 -2.62
N ASN B 93 13.23 12.09 -2.68
CA ASN B 93 14.68 12.25 -2.93
C ASN B 93 15.48 12.03 -1.66
N ASP B 94 14.90 12.40 -0.52
CA ASP B 94 15.42 12.04 0.77
C ASP B 94 15.52 10.53 0.96
N ALA B 95 14.46 9.82 0.58
CA ALA B 95 14.48 8.36 0.56
C ALA B 95 15.64 7.86 -0.29
N ALA B 96 15.77 8.43 -1.48
CA ALA B 96 16.81 8.02 -2.41
C ALA B 96 18.21 8.13 -1.83
N VAL B 97 18.51 9.26 -1.18
CA VAL B 97 19.83 9.43 -0.57
C VAL B 97 20.03 8.46 0.61
N ALA B 98 19.00 8.26 1.42
CA ALA B 98 19.14 7.33 2.54
C ALA B 98 19.36 5.89 2.06
N ILE B 99 18.66 5.50 0.99
CA ILE B 99 18.86 4.18 0.40
C ILE B 99 20.30 4.08 -0.10
N ALA B 100 20.74 5.11 -0.80
CA ALA B 100 22.09 5.11 -1.42
C ALA B 100 23.17 4.97 -0.36
N GLU B 101 23.03 5.72 0.73
CA GLU B 101 24.02 5.66 1.78
C GLU B 101 24.04 4.32 2.50
N HIS B 102 22.88 3.72 2.66
CA HIS B 102 22.79 2.46 3.36
C HIS B 102 23.34 1.34 2.50
N VAL B 103 23.01 1.35 1.22
CA VAL B 103 23.36 0.25 0.32
C VAL B 103 24.81 0.37 -0.19
N GLY B 104 25.25 1.58 -0.51
CA GLY B 104 26.60 1.77 -1.07
C GLY B 104 27.57 2.36 -0.09
N GLY B 105 27.12 2.59 1.14
CA GLY B 105 27.97 3.16 2.17
C GLY B 105 28.13 4.66 2.12
N SER B 106 27.96 5.24 0.94
CA SER B 106 28.02 6.67 0.72
C SER B 106 27.29 6.92 -0.57
N LEU B 107 26.94 8.17 -0.85
CA LEU B 107 26.38 8.51 -2.15
C LEU B 107 27.31 8.16 -3.30
N ASP B 108 28.56 8.56 -3.20
CA ASP B 108 29.53 8.28 -4.27
C ASP B 108 29.67 6.76 -4.50
N GLY B 109 29.67 6.01 -3.42
CA GLY B 109 29.78 4.55 -3.50
C GLY B 109 28.60 3.97 -4.24
N PHE B 110 27.42 4.44 -3.90
CA PHE B 110 26.21 3.93 -4.53
C PHE B 110 26.20 4.29 -6.01
N VAL B 111 26.64 5.50 -6.33
CA VAL B 111 26.66 5.95 -7.73
C VAL B 111 27.63 5.10 -8.54
N TYR B 112 28.77 4.73 -7.95
CA TYR B 112 29.65 3.76 -8.60
C TYR B 112 28.90 2.47 -8.92
N ASN B 115 26.43 2.83 -11.94
CA ASN B 115 27.10 2.76 -13.24
C ASN B 115 27.66 1.42 -13.58
N GLN B 116 28.15 0.70 -12.57
CA GLN B 116 28.65 -0.66 -12.77
C GLN B 116 27.46 -1.53 -13.22
N LYS B 117 26.32 -1.36 -12.58
CA LYS B 117 25.15 -2.16 -12.92
C LYS B 117 24.65 -1.86 -14.34
N ALA B 118 24.65 -0.58 -14.71
CA ALA B 118 24.27 -0.16 -16.06
C ALA B 118 25.15 -0.86 -17.09
N GLU B 119 26.46 -0.91 -16.85
N GLU B 119 26.45 -0.87 -16.84
CA GLU B 119 27.37 -1.59 -17.79
CA GLU B 119 27.41 -1.57 -17.69
C GLU B 119 27.14 -3.09 -17.82
C GLU B 119 26.99 -3.04 -17.83
N GLN B 120 26.77 -3.70 -16.70
CA GLN B 120 26.42 -5.12 -16.66
C GLN B 120 25.15 -5.44 -17.45
N LEU B 121 24.19 -4.54 -17.43
CA LEU B 121 22.90 -4.74 -18.09
C LEU B 121 22.94 -4.36 -19.57
N GLY B 122 24.05 -3.78 -20.02
CA GLY B 122 24.19 -3.43 -21.44
C GLY B 122 23.55 -2.10 -21.77
N LYS B 124 24.43 0.95 -22.60
CA LYS B 124 25.62 1.58 -23.14
C LYS B 124 25.52 3.07 -23.27
N ASN B 125 24.31 3.62 -23.21
CA ASN B 125 24.07 5.06 -23.42
C ASN B 125 23.52 5.71 -22.17
N THR B 126 23.95 5.22 -21.02
CA THR B 126 23.44 5.68 -19.73
C THR B 126 24.58 6.08 -18.81
N ARG B 127 24.40 7.18 -18.09
CA ARG B 127 25.37 7.61 -17.09
CA ARG B 127 25.35 7.59 -17.07
C ARG B 127 24.62 8.19 -15.88
N PHE B 128 24.90 7.65 -14.71
CA PHE B 128 24.30 8.17 -13.49
C PHE B 128 25.30 8.99 -12.66
N GLN B 129 24.77 10.02 -12.00
CA GLN B 129 25.51 10.90 -11.13
C GLN B 129 24.90 10.99 -9.73
N ASN B 130 23.71 10.43 -9.55
CA ASN B 130 22.93 10.55 -8.31
C ASN B 130 21.85 9.46 -8.31
N PRO B 131 21.16 9.24 -7.16
CA PRO B 131 20.21 8.14 -7.06
C PRO B 131 18.74 8.60 -7.29
N HIS B 132 18.55 9.88 -7.63
CA HIS B 132 17.19 10.44 -7.68
C HIS B 132 16.76 11.08 -8.99
N GLY B 133 17.71 11.56 -9.79
CA GLY B 133 17.41 12.24 -11.03
C GLY B 133 17.28 13.76 -10.97
N LEU B 134 17.58 14.39 -9.85
CA LEU B 134 17.71 15.82 -9.83
C LEU B 134 18.81 16.27 -10.81
N ASP B 135 18.65 17.45 -11.36
CA ASP B 135 19.63 17.99 -12.26
C ASP B 135 20.69 18.72 -11.46
N ASP B 136 21.45 17.95 -10.67
CA ASP B 136 22.47 18.54 -9.80
C ASP B 136 23.90 18.28 -10.29
N HIS B 137 24.00 17.56 -11.41
CA HIS B 137 25.27 17.28 -12.04
C HIS B 137 25.13 17.31 -13.55
N GLU B 138 26.26 17.46 -14.24
CA GLU B 138 26.30 17.26 -15.67
C GLU B 138 26.39 15.76 -15.91
N ASN B 139 25.97 15.35 -17.09
CA ASN B 139 26.19 13.97 -17.55
C ASN B 139 25.46 12.91 -16.74
N HIS B 140 24.21 13.24 -16.39
CA HIS B 140 23.27 12.24 -15.85
C HIS B 140 22.20 12.04 -16.92
N TYR B 141 22.15 10.88 -17.53
CA TYR B 141 21.28 10.68 -18.70
C TYR B 141 21.06 9.22 -18.97
N SER B 142 20.03 8.96 -19.77
CA SER B 142 19.77 7.65 -20.31
C SER B 142 18.99 7.80 -21.61
N THR B 143 18.46 6.71 -22.10
CA THR B 143 17.70 6.71 -23.35
C THR B 143 16.45 5.88 -23.11
N ALA B 144 15.49 5.99 -24.01
CA ALA B 144 14.29 5.20 -23.89
C ALA B 144 14.57 3.72 -23.95
N TYR B 145 15.43 3.30 -24.90
CA TYR B 145 15.85 1.91 -25.06
C TYR B 145 16.55 1.41 -23.81
N ASP B 146 17.46 2.20 -23.24
CA ASP B 146 18.21 1.75 -22.06
C ASP B 146 17.31 1.65 -20.83
N ALA B 148 14.14 0.99 -20.97
CA ALA B 148 13.35 -0.22 -21.16
C ALA B 148 14.13 -1.50 -20.77
N ILE B 149 15.41 -1.58 -21.13
CA ILE B 149 16.28 -2.69 -20.68
C ILE B 149 16.32 -2.75 -19.14
N LEU B 150 16.52 -1.61 -18.49
CA LEU B 150 16.54 -1.57 -17.02
C LEU B 150 15.21 -2.08 -16.44
N THR B 151 14.11 -1.63 -17.03
CA THR B 151 12.82 -1.96 -16.52
C THR B 151 12.51 -3.45 -16.70
N LYS B 152 12.91 -4.01 -17.85
CA LYS B 152 12.77 -5.44 -18.13
C LYS B 152 13.55 -6.23 -17.08
N TYR B 153 14.74 -5.76 -16.75
CA TYR B 153 15.54 -6.43 -15.71
C TYR B 153 14.83 -6.30 -14.33
N ALA B 154 14.42 -5.09 -13.97
CA ALA B 154 13.74 -4.83 -12.71
C ALA B 154 12.48 -5.70 -12.53
N LYS B 156 12.01 -8.71 -13.40
CA LYS B 156 12.35 -10.08 -12.96
C LYS B 156 12.36 -10.21 -11.43
N LEU B 157 12.44 -9.07 -10.72
CA LEU B 157 12.49 -9.07 -9.27
C LEU B 157 11.09 -9.02 -8.70
N LYS B 158 10.67 -10.05 -7.97
N LYS B 158 10.71 -10.07 -7.98
CA LYS B 158 9.30 -10.05 -7.45
CA LYS B 158 9.40 -10.16 -7.32
C LYS B 158 9.01 -8.88 -6.49
C LYS B 158 9.07 -8.87 -6.55
N ASP B 159 10.02 -8.40 -5.76
CA ASP B 159 9.81 -7.22 -4.90
C ASP B 159 9.57 -5.97 -5.74
N TYR B 160 10.24 -5.86 -6.90
CA TYR B 160 10.04 -4.69 -7.76
C TYR B 160 8.64 -4.74 -8.36
N GLN B 161 8.22 -5.91 -8.81
CA GLN B 161 6.87 -6.09 -9.35
CA GLN B 161 6.87 -6.08 -9.34
C GLN B 161 5.83 -5.62 -8.32
N LYS B 162 6.05 -6.00 -7.07
CA LYS B 162 5.11 -5.70 -6.01
C LYS B 162 5.06 -4.21 -5.72
N ILE B 163 6.22 -3.63 -5.53
CA ILE B 163 6.32 -2.21 -5.17
C ILE B 163 5.81 -1.32 -6.30
N SER B 164 6.26 -1.59 -7.53
CA SER B 164 5.87 -0.81 -8.70
CA SER B 164 5.88 -0.76 -8.67
C SER B 164 4.36 -0.83 -8.92
N GLY B 165 3.74 -1.94 -8.57
CA GLY B 165 2.30 -2.17 -8.66
C GLY B 165 1.42 -1.67 -7.52
N THR B 166 2.02 -1.05 -6.52
CA THR B 166 1.33 -0.70 -5.33
C THR B 166 0.68 0.68 -5.46
N LYS B 167 -0.63 0.71 -5.35
CA LYS B 167 -1.39 1.96 -5.47
C LYS B 167 -1.35 2.82 -4.20
N ILE B 168 -1.43 2.12 -3.07
CA ILE B 168 -1.50 2.70 -1.78
C ILE B 168 -0.60 1.87 -0.86
N TYR B 169 0.17 2.57 -0.06
CA TYR B 169 1.06 1.93 0.91
C TYR B 169 1.04 2.61 2.24
N LYS B 170 0.82 1.78 3.26
CA LYS B 170 0.89 2.21 4.62
C LYS B 170 2.22 1.70 5.21
N ALA B 171 3.09 2.63 5.60
CA ALA B 171 4.45 2.21 5.93
C ALA B 171 4.44 1.35 7.19
N GLU B 172 5.34 0.37 7.28
N GLU B 172 5.35 0.38 7.26
CA GLU B 172 5.46 -0.47 8.47
CA GLU B 172 5.50 -0.50 8.42
C GLU B 172 6.09 0.28 9.64
C GLU B 172 6.12 0.22 9.63
N THR B 173 7.22 0.93 9.37
CA THR B 173 8.05 1.54 10.42
C THR B 173 8.03 3.07 10.49
N GLU B 175 4.91 6.48 10.15
N GLU B 175 4.89 6.42 10.24
CA GLU B 175 3.50 6.79 10.23
CA GLU B 175 3.49 6.74 10.21
C GLU B 175 2.98 7.49 8.98
C GLU B 175 3.26 7.52 8.94
N SER B 176 3.08 6.79 7.84
CA SER B 176 2.73 7.36 6.55
C SER B 176 1.78 6.48 5.74
N VAL B 177 0.90 7.16 5.00
CA VAL B 177 0.12 6.59 3.92
C VAL B 177 0.49 7.35 2.63
N TRP B 178 0.93 6.59 1.67
CA TRP B 178 1.38 7.14 0.41
C TRP B 178 0.49 6.64 -0.72
N LYS B 179 0.14 7.55 -1.64
CA LYS B 179 -0.55 7.16 -2.85
C LYS B 179 0.48 7.27 -3.99
N ASN B 180 0.49 6.26 -4.84
CA ASN B 180 1.38 6.24 -6.00
C ASN B 180 1.10 7.41 -6.95
N LYS B 181 2.17 8.11 -7.36
N LYS B 181 2.15 8.11 -7.38
CA LYS B 181 2.11 9.19 -8.35
CA LYS B 181 2.01 9.20 -8.34
C LYS B 181 1.74 8.73 -9.76
C LYS B 181 1.76 8.74 -9.77
N ASN B 182 1.85 7.43 -10.00
CA ASN B 182 1.58 6.87 -11.31
C ASN B 182 0.08 6.77 -11.56
N LYS B 183 -0.49 7.75 -12.25
CA LYS B 183 -1.92 7.80 -12.46
C LYS B 183 -2.44 6.73 -13.41
N LEU B 184 -1.60 6.17 -14.27
CA LEU B 184 -2.05 5.03 -15.07
C LEU B 184 -2.47 3.92 -14.16
N LEU B 185 -1.64 3.67 -13.16
CA LEU B 185 -1.91 2.60 -12.21
C LEU B 185 -3.11 2.90 -11.32
N THR B 186 -3.10 4.08 -10.74
CA THR B 186 -4.12 4.38 -9.72
C THR B 186 -5.49 4.70 -10.25
N LEU B 188 -6.22 5.70 -14.32
CA LEU B 188 -6.50 5.90 -15.73
C LEU B 188 -6.62 4.64 -16.61
N TYR B 189 -5.84 3.60 -16.31
CA TYR B 189 -5.66 2.48 -17.24
C TYR B 189 -5.81 1.13 -16.55
N PRO B 190 -6.89 0.40 -16.87
CA PRO B 190 -7.17 -0.83 -16.11
C PRO B 190 -6.11 -1.90 -16.27
N TYR B 191 -5.32 -1.81 -17.34
CA TYR B 191 -4.30 -2.82 -17.62
C TYR B 191 -2.91 -2.47 -17.10
N SER B 192 -2.77 -1.31 -16.47
CA SER B 192 -1.48 -0.91 -15.91
C SER B 192 -1.08 -1.83 -14.75
N THR B 193 0.21 -2.15 -14.72
CA THR B 193 0.79 -2.93 -13.65
C THR B 193 1.88 -2.22 -12.92
N GLY B 194 2.11 -0.95 -13.23
CA GLY B 194 3.04 -0.12 -12.45
C GLY B 194 3.82 0.82 -13.32
N GLY B 195 4.88 1.38 -12.76
CA GLY B 195 5.68 2.36 -13.45
C GLY B 195 6.32 3.34 -12.50
N LYS B 196 6.90 4.38 -13.07
CA LYS B 196 7.54 5.43 -12.32
C LYS B 196 7.48 6.71 -13.14
N THR B 197 7.11 7.81 -12.51
CA THR B 197 7.03 9.11 -13.15
C THR B 197 8.29 9.92 -12.85
N GLY B 198 8.50 10.96 -13.64
CA GLY B 198 9.52 11.95 -13.33
C GLY B 198 9.26 13.29 -13.96
N TYR B 199 9.78 14.32 -13.34
CA TYR B 199 9.76 15.66 -13.90
C TYR B 199 10.88 16.48 -13.28
N THR B 200 11.64 17.16 -14.15
CA THR B 200 12.41 18.32 -13.73
C THR B 200 12.17 19.42 -14.76
N LYS B 201 12.46 20.65 -14.40
CA LYS B 201 12.34 21.75 -15.34
C LYS B 201 13.11 21.50 -16.65
N LEU B 202 14.28 20.88 -16.57
CA LEU B 202 15.12 20.64 -17.75
C LEU B 202 14.76 19.34 -18.50
N ALA B 203 14.37 18.29 -17.78
CA ALA B 203 13.99 17.02 -18.40
C ALA B 203 12.58 17.00 -18.95
N LYS B 204 11.74 17.83 -18.34
CA LYS B 204 10.29 17.81 -18.55
C LYS B 204 9.74 16.46 -18.07
N ARG B 205 8.59 16.02 -18.59
CA ARG B 205 7.96 14.81 -18.05
C ARG B 205 8.53 13.55 -18.63
N THR B 206 8.89 12.62 -17.75
CA THR B 206 9.35 11.31 -18.13
C THR B 206 8.48 10.27 -17.48
N LEU B 207 8.39 9.10 -18.09
CA LEU B 207 7.49 8.10 -17.56
C LEU B 207 7.90 6.72 -18.08
N VAL B 208 8.04 5.78 -17.15
CA VAL B 208 8.11 4.39 -17.46
C VAL B 208 6.82 3.77 -16.96
N SER B 209 6.19 2.90 -17.74
CA SER B 209 5.08 2.13 -17.20
C SER B 209 4.99 0.76 -17.82
N THR B 210 4.24 -0.10 -17.16
CA THR B 210 4.11 -1.48 -17.59
C THR B 210 2.62 -1.81 -17.63
N ALA B 211 2.26 -2.78 -18.45
CA ALA B 211 0.87 -3.17 -18.60
C ALA B 211 0.79 -4.63 -19.02
N SER B 212 -0.32 -5.26 -18.69
CA SER B 212 -0.54 -6.64 -19.08
C SER B 212 -1.99 -6.82 -19.45
N LYS B 213 -2.24 -7.55 -20.54
CA LYS B 213 -3.57 -7.90 -20.98
C LYS B 213 -3.51 -9.14 -21.88
N ASP B 214 -4.45 -10.07 -21.72
CA ASP B 214 -4.56 -11.25 -22.60
C ASP B 214 -3.25 -12.04 -22.72
N GLY B 215 -2.50 -12.12 -21.62
CA GLY B 215 -1.21 -12.81 -21.60
C GLY B 215 -0.06 -12.06 -22.27
N ILE B 216 -0.24 -10.78 -22.54
CA ILE B 216 0.80 -9.98 -23.17
C ILE B 216 1.30 -9.03 -22.07
N ASP B 217 2.61 -8.98 -21.85
CA ASP B 217 3.22 -8.06 -20.86
C ASP B 217 4.11 -7.06 -21.59
N LEU B 218 3.90 -5.77 -21.34
CA LEU B 218 4.53 -4.71 -22.12
C LEU B 218 5.18 -3.66 -21.21
N ILE B 219 6.19 -3.01 -21.76
CA ILE B 219 6.94 -1.98 -21.06
C ILE B 219 7.02 -0.80 -22.00
N ALA B 220 6.66 0.38 -21.54
CA ALA B 220 6.69 1.60 -22.34
C ALA B 220 7.47 2.68 -21.61
N VAL B 221 8.17 3.50 -22.37
CA VAL B 221 8.93 4.62 -21.86
C VAL B 221 8.72 5.83 -22.73
N THR B 222 8.49 6.98 -22.11
CA THR B 222 8.48 8.24 -22.81
C THR B 222 9.37 9.19 -22.08
N ILE B 223 10.12 9.97 -22.85
CA ILE B 223 11.01 10.98 -22.30
C ILE B 223 10.68 12.33 -22.95
N ASN B 224 10.28 13.28 -22.11
CA ASN B 224 9.81 14.61 -22.48
C ASN B 224 8.50 14.51 -23.27
N ASP B 225 7.38 14.43 -22.56
CA ASP B 225 6.09 14.22 -23.20
C ASP B 225 4.98 14.85 -22.37
N PRO B 226 4.38 15.94 -22.88
CA PRO B 226 3.30 16.59 -22.16
C PRO B 226 1.95 15.86 -22.28
N ASN B 227 1.92 14.75 -23.01
CA ASN B 227 0.73 13.92 -23.15
C ASN B 227 1.03 12.46 -22.82
N ASP B 228 1.87 12.28 -21.80
CA ASP B 228 2.43 10.96 -21.49
C ASP B 228 1.43 9.89 -21.12
N TRP B 229 0.47 10.19 -20.25
CA TRP B 229 -0.47 9.14 -19.85
C TRP B 229 -1.20 8.61 -21.06
N ASP B 230 -1.71 9.54 -21.87
CA ASP B 230 -2.48 9.17 -23.02
C ASP B 230 -1.61 8.43 -24.03
N ASP B 231 -0.40 8.90 -24.22
CA ASP B 231 0.54 8.25 -25.16
C ASP B 231 0.89 6.82 -24.75
N HIS B 232 1.04 6.58 -23.44
CA HIS B 232 1.28 5.22 -22.97
C HIS B 232 0.08 4.34 -23.26
N LYS B 234 -2.16 4.80 -25.58
CA LYS B 234 -2.23 4.63 -27.03
CA LYS B 234 -2.26 4.61 -27.03
C LYS B 234 -1.29 3.51 -27.47
N PHE B 236 0.19 0.99 -25.58
CA PHE B 236 -0.23 -0.32 -25.08
C PHE B 236 -1.42 -0.84 -25.89
N ASN B 237 -2.45 -0.01 -26.03
CA ASN B 237 -3.66 -0.42 -26.73
C ASN B 237 -3.37 -0.86 -28.16
N TYR B 238 -2.49 -0.17 -28.85
CA TYR B 238 -2.11 -0.55 -30.19
C TYR B 238 -1.55 -1.98 -30.23
N VAL B 239 -0.62 -2.26 -29.31
CA VAL B 239 0.02 -3.58 -29.27
C VAL B 239 -0.99 -4.65 -28.88
N PHE B 240 -1.83 -4.37 -27.87
CA PHE B 240 -2.82 -5.35 -27.44
C PHE B 240 -3.78 -5.65 -28.59
N GLU B 241 -4.07 -4.64 -29.41
N GLU B 241 -4.09 -4.67 -29.42
CA GLU B 241 -5.01 -4.77 -30.55
CA GLU B 241 -5.03 -4.87 -30.54
C GLU B 241 -4.42 -5.52 -31.75
C GLU B 241 -4.40 -5.61 -31.73
N HIS B 242 -3.10 -5.43 -31.93
CA HIS B 242 -2.44 -5.98 -33.13
C HIS B 242 -1.57 -7.20 -32.94
N TYR B 243 -1.23 -7.53 -31.69
CA TYR B 243 -0.35 -8.65 -31.42
C TYR B 243 -1.05 -9.64 -30.53
N GLN B 244 -0.58 -10.88 -30.59
CA GLN B 244 -1.01 -11.96 -29.72
C GLN B 244 0.20 -12.73 -29.29
N THR B 245 0.13 -13.35 -28.11
CA THR B 245 1.16 -14.29 -27.70
C THR B 245 0.76 -15.62 -28.29
N TYR B 246 1.67 -16.22 -29.06
CA TYR B 246 1.44 -17.51 -29.68
C TYR B 246 2.32 -18.56 -29.05
N LEU B 247 1.74 -19.72 -28.79
CA LEU B 247 2.51 -20.95 -28.52
C LEU B 247 3.01 -21.53 -29.85
N ILE B 248 4.30 -21.29 -30.13
CA ILE B 248 4.91 -21.71 -31.40
C ILE B 248 5.33 -23.18 -31.35
N ALA B 249 5.98 -23.57 -30.27
CA ALA B 249 6.43 -24.95 -30.07
C ALA B 249 6.31 -25.36 -28.60
N LYS B 250 5.55 -26.41 -28.32
CA LYS B 250 5.47 -27.00 -26.97
C LYS B 250 6.80 -27.60 -26.55
N ASP B 253 8.39 -33.07 -27.37
CA ASP B 253 7.89 -33.71 -28.61
C ASP B 253 7.92 -32.70 -29.77
N ILE B 254 8.53 -33.08 -30.89
CA ILE B 254 8.65 -32.20 -32.06
C ILE B 254 7.85 -32.77 -33.26
N PRO B 255 6.66 -32.18 -33.55
CA PRO B 255 5.76 -32.74 -34.56
C PRO B 255 6.34 -32.95 -35.97
N LYS B 256 7.27 -32.10 -36.40
CA LYS B 256 7.84 -32.15 -37.76
C LYS B 256 8.85 -33.29 -37.96
N LEU B 257 9.22 -33.96 -36.86
CA LEU B 257 10.11 -35.11 -36.90
C LEU B 257 9.34 -36.44 -36.91
N LYS B 258 8.02 -36.38 -36.99
CA LYS B 258 7.19 -37.59 -37.07
C LYS B 258 7.63 -38.52 -38.22
N GLY B 259 7.67 -39.82 -37.94
CA GLY B 259 8.08 -40.82 -38.92
C GLY B 259 9.58 -41.04 -39.05
N THR B 260 10.38 -40.19 -38.41
CA THR B 260 11.84 -40.28 -38.50
C THR B 260 12.45 -41.00 -37.29
N PHE B 261 13.77 -41.16 -37.32
CA PHE B 261 14.54 -41.74 -36.21
C PHE B 261 14.28 -41.03 -34.87
N TYR B 262 14.19 -39.71 -34.90
CA TYR B 262 14.03 -38.90 -33.67
C TYR B 262 12.56 -38.58 -33.34
N GLU B 263 11.62 -39.49 -33.63
CA GLU B 263 10.19 -39.19 -33.45
C GLU B 263 9.77 -38.96 -31.99
N SER B 264 9.84 -40.01 -31.18
CA SER B 264 9.44 -39.94 -29.76
C SER B 264 10.62 -39.58 -28.85
N LYS B 265 11.83 -39.94 -29.27
CA LYS B 265 13.04 -39.80 -28.47
C LYS B 265 13.59 -38.36 -28.34
N ALA B 266 13.36 -37.53 -29.37
CA ALA B 266 13.88 -36.15 -29.39
C ALA B 266 12.91 -35.16 -28.74
N PHE B 267 13.45 -34.10 -28.14
CA PHE B 267 12.62 -33.08 -27.49
C PHE B 267 13.35 -31.76 -27.24
N ILE B 268 12.60 -30.65 -27.21
CA ILE B 268 13.10 -29.36 -26.74
C ILE B 268 12.72 -29.24 -25.26
N LYS B 269 13.48 -28.45 -24.51
CA LYS B 269 13.36 -28.48 -23.04
C LYS B 269 12.19 -27.64 -22.47
N ARG B 270 11.71 -26.64 -23.23
CA ARG B 270 10.65 -25.75 -22.75
CA ARG B 270 10.66 -25.74 -22.75
C ARG B 270 9.71 -25.34 -23.89
N ASP B 271 8.57 -24.73 -23.54
CA ASP B 271 7.67 -24.08 -24.49
C ASP B 271 8.38 -22.89 -25.12
N ILE B 272 8.14 -22.66 -26.42
CA ILE B 272 8.54 -21.42 -27.07
C ILE B 272 7.25 -20.67 -27.39
N THR B 273 6.98 -19.59 -26.67
CA THR B 273 5.88 -18.69 -27.03
C THR B 273 6.48 -17.36 -27.46
N TYR B 274 5.71 -16.60 -28.24
CA TYR B 274 6.22 -15.34 -28.74
C TYR B 274 5.08 -14.42 -29.16
N LEU B 275 5.34 -13.13 -29.00
CA LEU B 275 4.37 -12.09 -29.26
C LEU B 275 4.57 -11.62 -30.68
N LEU B 276 3.51 -11.75 -31.50
CA LEU B 276 3.57 -11.53 -32.95
C LEU B 276 2.27 -10.98 -33.50
N THR B 277 2.36 -10.26 -34.62
CA THR B 277 1.18 -9.89 -35.38
C THR B 277 0.75 -11.11 -36.20
N GLU B 278 -0.46 -11.03 -36.77
CA GLU B 278 -0.94 -12.12 -37.63
C GLU B 278 0.00 -12.36 -38.81
N GLU B 279 0.41 -11.29 -39.48
CA GLU B 279 1.36 -11.38 -40.60
C GLU B 279 2.70 -12.01 -40.19
N GLU B 280 3.21 -11.62 -39.03
CA GLU B 280 4.43 -12.22 -38.49
C GLU B 280 4.26 -13.70 -38.19
N LYS B 281 3.10 -14.05 -37.61
CA LYS B 281 2.79 -15.45 -37.30
C LYS B 281 2.85 -16.31 -38.57
N GLU B 282 2.28 -15.81 -39.66
CA GLU B 282 2.30 -16.51 -40.97
C GLU B 282 3.71 -16.76 -41.48
N ASN B 283 4.65 -15.91 -41.06
CA ASN B 283 6.03 -16.01 -41.56
C ASN B 283 6.96 -16.75 -40.62
N VAL B 284 6.42 -17.29 -39.52
CA VAL B 284 7.23 -18.12 -38.62
C VAL B 284 7.67 -19.42 -39.31
N LYS B 285 8.96 -19.70 -39.22
CA LYS B 285 9.55 -20.93 -39.76
C LYS B 285 10.27 -21.65 -38.64
N ILE B 286 9.98 -22.95 -38.49
CA ILE B 286 10.58 -23.80 -37.48
C ILE B 286 11.63 -24.66 -38.18
N ASN B 287 12.90 -24.28 -37.99
CA ASN B 287 14.03 -24.97 -38.62
C ASN B 287 14.71 -25.89 -37.63
N THR B 288 15.06 -27.09 -38.08
CA THR B 288 15.76 -28.04 -37.24
C THR B 288 16.95 -28.64 -37.98
N THR B 289 18.05 -28.85 -37.26
CA THR B 289 19.17 -29.65 -37.78
C THR B 289 19.48 -30.72 -36.75
N LEU B 290 19.61 -31.97 -37.19
CA LEU B 290 19.85 -33.11 -36.30
C LEU B 290 20.93 -34.03 -36.87
N VAL B 308 21.89 -33.86 -29.73
CA VAL B 308 21.36 -34.35 -31.02
C VAL B 308 21.38 -33.27 -32.11
N GLY B 309 21.13 -32.01 -31.74
CA GLY B 309 21.16 -30.90 -32.70
C GLY B 309 20.68 -29.54 -32.19
N HIS B 310 19.98 -28.81 -33.06
CA HIS B 310 19.48 -27.45 -32.74
C HIS B 310 18.17 -27.10 -33.50
N GLU B 312 15.93 -23.77 -34.56
CA GLU B 312 15.95 -22.30 -34.72
C GLU B 312 14.63 -21.77 -35.28
N ILE B 313 13.89 -21.02 -34.45
CA ILE B 313 12.62 -20.45 -34.85
C ILE B 313 12.89 -19.04 -35.32
N PHE B 315 11.33 -15.56 -38.02
CA PHE B 315 10.32 -14.99 -38.91
C PHE B 315 10.98 -13.89 -39.72
N ASN B 316 10.79 -13.94 -41.04
CA ASN B 316 11.57 -13.14 -41.97
C ASN B 316 13.07 -13.29 -41.60
N ASP B 317 13.82 -12.18 -41.52
CA ASP B 317 15.23 -12.25 -41.13
C ASP B 317 15.43 -12.63 -39.64
N ALA B 318 14.44 -12.30 -38.80
CA ALA B 318 14.61 -12.27 -37.35
C ALA B 318 14.51 -13.64 -36.66
N THR B 319 15.25 -13.80 -35.56
CA THR B 319 15.28 -15.05 -34.78
C THR B 319 14.46 -14.92 -33.50
N ILE B 320 13.57 -15.89 -33.29
CA ILE B 320 12.75 -15.96 -32.10
C ILE B 320 13.50 -16.71 -31.01
N ALA B 321 13.97 -17.91 -31.36
CA ALA B 321 14.71 -18.76 -30.44
C ALA B 321 15.82 -19.53 -31.16
N LYS B 322 16.69 -20.13 -30.36
CA LYS B 322 17.74 -21.03 -30.85
C LYS B 322 18.12 -21.95 -29.68
N VAL B 323 17.36 -23.04 -29.51
CA VAL B 323 17.55 -23.98 -28.41
C VAL B 323 18.20 -25.30 -28.91
N PRO B 324 18.89 -26.03 -28.01
CA PRO B 324 19.37 -27.37 -28.38
C PRO B 324 18.25 -28.42 -28.34
N ILE B 325 18.30 -29.39 -29.25
CA ILE B 325 17.35 -30.51 -29.27
C ILE B 325 17.99 -31.68 -28.52
N TYR B 326 17.25 -32.23 -27.56
CA TYR B 326 17.79 -33.24 -26.65
C TYR B 326 17.31 -34.64 -27.02
N TYR B 327 18.18 -35.63 -26.79
CA TYR B 327 17.82 -37.03 -26.93
C TYR B 327 17.62 -37.65 -25.54
N GLU B 328 16.59 -38.50 -25.42
CA GLU B 328 16.18 -39.05 -24.12
C GLU B 328 17.09 -40.20 -23.67
#